data_1DEP
# 
_entry.id   1DEP 
# 
_audit_conform.dict_name       mmcif_pdbx.dic 
_audit_conform.dict_version    5.392 
_audit_conform.dict_location   http://mmcif.pdb.org/dictionaries/ascii/mmcif_pdbx.dic 
# 
loop_
_database_2.database_id 
_database_2.database_code 
_database_2.pdbx_database_accession 
_database_2.pdbx_DOI 
PDB   1DEP         pdb_00001dep 10.2210/pdb1dep/pdb 
WWPDB D_1000172761 ?            ?                   
# 
loop_
_pdbx_audit_revision_history.ordinal 
_pdbx_audit_revision_history.data_content_type 
_pdbx_audit_revision_history.major_revision 
_pdbx_audit_revision_history.minor_revision 
_pdbx_audit_revision_history.revision_date 
1 'Structure model' 1 0 1996-10-14 
2 'Structure model' 1 1 2008-03-24 
3 'Structure model' 1 2 2011-07-13 
4 'Structure model' 1 3 2022-02-16 
5 'Structure model' 1 4 2024-05-22 
# 
_pdbx_audit_revision_details.ordinal             1 
_pdbx_audit_revision_details.revision_ordinal    1 
_pdbx_audit_revision_details.data_content_type   'Structure model' 
_pdbx_audit_revision_details.provider            repository 
_pdbx_audit_revision_details.type                'Initial release' 
_pdbx_audit_revision_details.description         ? 
_pdbx_audit_revision_details.details             ? 
# 
loop_
_pdbx_audit_revision_group.ordinal 
_pdbx_audit_revision_group.revision_ordinal 
_pdbx_audit_revision_group.data_content_type 
_pdbx_audit_revision_group.group 
1 2 'Structure model' 'Version format compliance' 
2 3 'Structure model' 'Version format compliance' 
3 4 'Structure model' 'Database references'       
4 4 'Structure model' 'Derived calculations'      
5 4 'Structure model' Other                       
6 5 'Structure model' 'Data collection'           
# 
loop_
_pdbx_audit_revision_category.ordinal 
_pdbx_audit_revision_category.revision_ordinal 
_pdbx_audit_revision_category.data_content_type 
_pdbx_audit_revision_category.category 
1 4 'Structure model' database_2            
2 4 'Structure model' pdbx_database_status  
3 4 'Structure model' pdbx_struct_assembly  
4 4 'Structure model' pdbx_struct_oper_list 
5 5 'Structure model' chem_comp_atom        
6 5 'Structure model' chem_comp_bond        
# 
loop_
_pdbx_audit_revision_item.ordinal 
_pdbx_audit_revision_item.revision_ordinal 
_pdbx_audit_revision_item.data_content_type 
_pdbx_audit_revision_item.item 
1 4 'Structure model' '_database_2.pdbx_DOI'                
2 4 'Structure model' '_database_2.pdbx_database_accession' 
3 4 'Structure model' '_pdbx_database_status.process_site'  
# 
_pdbx_database_status.status_code                     REL 
_pdbx_database_status.entry_id                        1DEP 
_pdbx_database_status.recvd_initial_deposition_date   1995-08-23 
_pdbx_database_status.deposit_site                    ? 
_pdbx_database_status.process_site                    BNL 
_pdbx_database_status.status_code_sf                  ? 
_pdbx_database_status.status_code_mr                  REL 
_pdbx_database_status.SG_entry                        ? 
_pdbx_database_status.pdb_format_compatible           Y 
_pdbx_database_status.status_code_cs                  ? 
_pdbx_database_status.status_code_nmr_data            ? 
_pdbx_database_status.methods_development_category    ? 
# 
loop_
_audit_author.name 
_audit_author.pdbx_ordinal 
'Jung, H.'         1 
'Schnackerz, K.D.' 2 
# 
loop_
_citation.id 
_citation.title 
_citation.journal_abbrev 
_citation.journal_volume 
_citation.page_first 
_citation.page_last 
_citation.year 
_citation.journal_id_ASTM 
_citation.country 
_citation.journal_id_ISSN 
_citation.journal_id_CSD 
_citation.book_publisher 
_citation.pdbx_database_id_PubMed 
_citation.pdbx_database_id_DOI 
primary 
'NMR and circular dichroism studies of synthetic peptides derived from the third intracellular loop of the beta-adrenoceptor.' 
'FEBS Lett.'   358 133 136 1995 FEBLAL NE 0014-5793 0165 ? 7828722 '10.1016/0014-5793(94)01409-T' 
1       
;Multisite Contacts Involved in Coupling of the Beta-Adrenergic Receptor with the Stimulatory Guanine-Nucleotide-Binding Regulatory Protein. Structural and Functional Studies by Beta-Receptor-Site-Specific Synthetic Peptides
;
Eur.J.Biochem. 198 357 ?   1991 EJBCAI IX 0014-2956 0262 ? ?       ?                              
# 
loop_
_citation_author.citation_id 
_citation_author.name 
_citation_author.ordinal 
_citation_author.identifier_ORCID 
primary 'Jung, H.'         1 ? 
primary 'Windhaber, R.'    2 ? 
primary 'Palm, D.'         3 ? 
primary 'Schnackerz, K.D.' 4 ? 
1       'Munch, G.'        5 ? 
1       'Dees, C.'         6 ? 
1       'Hekman, M.'       7 ? 
1       'Palm, D.'         8 ? 
# 
_entity.id                         1 
_entity.type                       polymer 
_entity.src_method                 man 
_entity.pdbx_description           T345-359 
_entity.formula_weight             1889.294 
_entity.pdbx_number_of_molecules   1 
_entity.pdbx_ec                    ? 
_entity.pdbx_mutation              ? 
_entity.pdbx_fragment              ? 
_entity.details                    
'THE PEPTIDE T345-359 REPRESENTS THE FOURTH INTRACELLULAR LOOP OF THE BETA-ADRENOCEPTOR FROM TURKEY' 
# 
_entity_poly.entity_id                      1 
_entity_poly.type                           'polypeptide(L)' 
_entity_poly.nstd_linkage                   no 
_entity_poly.nstd_monomer                   no 
_entity_poly.pdbx_seq_one_letter_code       RSPDFRKAFKRLLCF 
_entity_poly.pdbx_seq_one_letter_code_can   RSPDFRKAFKRLLCF 
_entity_poly.pdbx_strand_id                 A 
_entity_poly.pdbx_target_identifier         ? 
# 
loop_
_entity_poly_seq.entity_id 
_entity_poly_seq.num 
_entity_poly_seq.mon_id 
_entity_poly_seq.hetero 
1 1  ARG n 
1 2  SER n 
1 3  PRO n 
1 4  ASP n 
1 5  PHE n 
1 6  ARG n 
1 7  LYS n 
1 8  ALA n 
1 9  PHE n 
1 10 LYS n 
1 11 ARG n 
1 12 LEU n 
1 13 LEU n 
1 14 CYS n 
1 15 PHE n 
# 
_entity_src_gen.entity_id                          1 
_entity_src_gen.pdbx_src_id                        1 
_entity_src_gen.pdbx_alt_source_flag               sample 
_entity_src_gen.pdbx_seq_type                      ? 
_entity_src_gen.pdbx_beg_seq_num                   ? 
_entity_src_gen.pdbx_end_seq_num                   ? 
_entity_src_gen.gene_src_common_name               turkey 
_entity_src_gen.gene_src_genus                     Meleagris 
_entity_src_gen.pdbx_gene_src_gene                 ? 
_entity_src_gen.gene_src_species                   ? 
_entity_src_gen.gene_src_strain                    ? 
_entity_src_gen.gene_src_tissue                    ? 
_entity_src_gen.gene_src_tissue_fraction           ? 
_entity_src_gen.gene_src_details                   ? 
_entity_src_gen.pdbx_gene_src_fragment             ? 
_entity_src_gen.pdbx_gene_src_scientific_name      'Meleagris gallopavo' 
_entity_src_gen.pdbx_gene_src_ncbi_taxonomy_id     9103 
_entity_src_gen.pdbx_gene_src_variant              ? 
_entity_src_gen.pdbx_gene_src_cell_line            ? 
_entity_src_gen.pdbx_gene_src_atcc                 ? 
_entity_src_gen.pdbx_gene_src_organ                ? 
_entity_src_gen.pdbx_gene_src_organelle            ? 
_entity_src_gen.pdbx_gene_src_cell                 ? 
_entity_src_gen.pdbx_gene_src_cellular_location    ? 
_entity_src_gen.host_org_common_name               ? 
_entity_src_gen.pdbx_host_org_scientific_name      ? 
_entity_src_gen.pdbx_host_org_ncbi_taxonomy_id     ? 
_entity_src_gen.host_org_genus                     ? 
_entity_src_gen.pdbx_host_org_gene                 ? 
_entity_src_gen.pdbx_host_org_organ                ? 
_entity_src_gen.host_org_species                   ? 
_entity_src_gen.pdbx_host_org_tissue               ? 
_entity_src_gen.pdbx_host_org_tissue_fraction      ? 
_entity_src_gen.pdbx_host_org_strain               ? 
_entity_src_gen.pdbx_host_org_variant              ? 
_entity_src_gen.pdbx_host_org_cell_line            ? 
_entity_src_gen.pdbx_host_org_atcc                 ? 
_entity_src_gen.pdbx_host_org_culture_collection   ? 
_entity_src_gen.pdbx_host_org_cell                 ? 
_entity_src_gen.pdbx_host_org_organelle            ? 
_entity_src_gen.pdbx_host_org_cellular_location    ? 
_entity_src_gen.pdbx_host_org_vector_type          ? 
_entity_src_gen.pdbx_host_org_vector               ? 
_entity_src_gen.host_org_details                   ? 
_entity_src_gen.expression_system_id               ? 
_entity_src_gen.plasmid_name                       ? 
_entity_src_gen.plasmid_details                    ? 
_entity_src_gen.pdbx_description                   ? 
# 
loop_
_chem_comp.id 
_chem_comp.type 
_chem_comp.mon_nstd_flag 
_chem_comp.name 
_chem_comp.pdbx_synonyms 
_chem_comp.formula 
_chem_comp.formula_weight 
ALA 'L-peptide linking' y ALANINE         ? 'C3 H7 N O2'     89.093  
ARG 'L-peptide linking' y ARGININE        ? 'C6 H15 N4 O2 1' 175.209 
ASP 'L-peptide linking' y 'ASPARTIC ACID' ? 'C4 H7 N O4'     133.103 
CYS 'L-peptide linking' y CYSTEINE        ? 'C3 H7 N O2 S'   121.158 
LEU 'L-peptide linking' y LEUCINE         ? 'C6 H13 N O2'    131.173 
LYS 'L-peptide linking' y LYSINE          ? 'C6 H15 N2 O2 1' 147.195 
PHE 'L-peptide linking' y PHENYLALANINE   ? 'C9 H11 N O2'    165.189 
PRO 'L-peptide linking' y PROLINE         ? 'C5 H9 N O2'     115.130 
SER 'L-peptide linking' y SERINE          ? 'C3 H7 N O3'     105.093 
# 
loop_
_pdbx_poly_seq_scheme.asym_id 
_pdbx_poly_seq_scheme.entity_id 
_pdbx_poly_seq_scheme.seq_id 
_pdbx_poly_seq_scheme.mon_id 
_pdbx_poly_seq_scheme.ndb_seq_num 
_pdbx_poly_seq_scheme.pdb_seq_num 
_pdbx_poly_seq_scheme.auth_seq_num 
_pdbx_poly_seq_scheme.pdb_mon_id 
_pdbx_poly_seq_scheme.auth_mon_id 
_pdbx_poly_seq_scheme.pdb_strand_id 
_pdbx_poly_seq_scheme.pdb_ins_code 
_pdbx_poly_seq_scheme.hetero 
A 1 1  ARG 1  1  1  ARG ARG A . n 
A 1 2  SER 2  2  2  SER SER A . n 
A 1 3  PRO 3  3  3  PRO PRO A . n 
A 1 4  ASP 4  4  4  ASP ASP A . n 
A 1 5  PHE 5  5  5  PHE PHE A . n 
A 1 6  ARG 6  6  6  ARG ARG A . n 
A 1 7  LYS 7  7  7  LYS LYS A . n 
A 1 8  ALA 8  8  8  ALA ALA A . n 
A 1 9  PHE 9  9  9  PHE PHE A . n 
A 1 10 LYS 10 10 10 LYS LYS A . n 
A 1 11 ARG 11 11 11 ARG ARG A . n 
A 1 12 LEU 12 12 12 LEU LEU A . n 
A 1 13 LEU 13 13 13 LEU LEU A . n 
A 1 14 CYS 14 14 14 CYS CYS A . n 
A 1 15 PHE 15 15 15 PHE PHE A . n 
# 
_cell.entry_id           1DEP 
_cell.length_a           1.000 
_cell.length_b           1.000 
_cell.length_c           1.000 
_cell.angle_alpha        90.00 
_cell.angle_beta         90.00 
_cell.angle_gamma        90.00 
_cell.Z_PDB              1 
_cell.pdbx_unique_axis   ? 
# 
_symmetry.entry_id                         1DEP 
_symmetry.space_group_name_H-M             'P 1' 
_symmetry.pdbx_full_space_group_name_H-M   ? 
_symmetry.cell_setting                     ? 
_symmetry.Int_Tables_number                1 
# 
_exptl.entry_id          1DEP 
_exptl.method            'SOLUTION NMR' 
_exptl.crystals_number   ? 
# 
_struct.entry_id                  1DEP 
_struct.title                     'MEMBRANE PROTEIN, NMR, 1 STRUCTURE' 
_struct.pdbx_model_details        ? 
_struct.pdbx_CASP_flag            ? 
_struct.pdbx_model_type_details   ? 
# 
_struct_keywords.entry_id        1DEP 
_struct_keywords.pdbx_keywords   'MEMBRANE PROTEIN' 
_struct_keywords.text            'BETA-ADRENOCEPTOR, MICELLE-BOUND PEPTIDE, MEMBRANE PROTEIN' 
# 
_struct_asym.id                            A 
_struct_asym.pdbx_blank_PDB_chainid_flag   Y 
_struct_asym.pdbx_modified                 N 
_struct_asym.entity_id                     1 
_struct_asym.details                       ? 
# 
_struct_ref.id                         1 
_struct_ref.db_name                    UNP 
_struct_ref.db_code                    ADRB1_MELGA 
_struct_ref.entity_id                  1 
_struct_ref.pdbx_db_accession          P07700 
_struct_ref.pdbx_align_begin           1 
_struct_ref.pdbx_seq_one_letter_code   
;MGDGWLPPDCGPHNRSGGGGATAAPTGSRQVSAELLSQQWEAGMSLLMALVVLLIVAGNVLVIAAIGRTQRLQTLTNLFI
TSLACADLVMGLLVVPFGATLVVRGTWLWGSFLCECWTSLDVLCVTASIETLCVIAIDRYLAITSPFRYQSLMTRARAKV
IICTVWAISALVSFLPIMMHWWRDEDPQALKCYQDPGCCDFVTNRAYAIASSIISFYIPLLIMIFVYLRVYREAKEQIRK
IDRCEGRFYGSQEQPQPPPLPQHQPILGNGRASKRKTSRVMAMREHKALKTLGIIMGVFTLCWLPFFLVNIVNVFNRDLV
PDWLFVFFNWLGYANSAFNPIIYCRSPDFRKAFKRLLCFPRKADRRLHAGGQPAPLPGGFISTLGSPEHSPGGTWSDCNG
GTRGGSESSLEERHSKTSRSESKMEREKNILATTRFYCTFLGNGDKAVFCTVLRIVKLFEDATCTCPHTHKLKMKWRFKQ
HQA
;
_struct_ref.pdbx_db_isoform            ? 
# 
_struct_ref_seq.align_id                      1 
_struct_ref_seq.ref_id                        1 
_struct_ref_seq.pdbx_PDB_id_code              1DEP 
_struct_ref_seq.pdbx_strand_id                A 
_struct_ref_seq.seq_align_beg                 1 
_struct_ref_seq.pdbx_seq_align_beg_ins_code   ? 
_struct_ref_seq.seq_align_end                 15 
_struct_ref_seq.pdbx_seq_align_end_ins_code   ? 
_struct_ref_seq.pdbx_db_accession             P07700 
_struct_ref_seq.db_align_beg                  345 
_struct_ref_seq.pdbx_db_align_beg_ins_code    ? 
_struct_ref_seq.db_align_end                  359 
_struct_ref_seq.pdbx_db_align_end_ins_code    ? 
_struct_ref_seq.pdbx_auth_seq_align_beg       1 
_struct_ref_seq.pdbx_auth_seq_align_end       15 
# 
_pdbx_struct_assembly.id                   1 
_pdbx_struct_assembly.details              author_defined_assembly 
_pdbx_struct_assembly.method_details       ? 
_pdbx_struct_assembly.oligomeric_details   monomeric 
_pdbx_struct_assembly.oligomeric_count     1 
# 
_pdbx_struct_assembly_gen.assembly_id       1 
_pdbx_struct_assembly_gen.oper_expression   1 
_pdbx_struct_assembly_gen.asym_id_list      A 
# 
_pdbx_struct_oper_list.id                   1 
_pdbx_struct_oper_list.type                 'identity operation' 
_pdbx_struct_oper_list.name                 1_555 
_pdbx_struct_oper_list.symmetry_operation   x,y,z 
_pdbx_struct_oper_list.matrix[1][1]         1.0000000000 
_pdbx_struct_oper_list.matrix[1][2]         0.0000000000 
_pdbx_struct_oper_list.matrix[1][3]         0.0000000000 
_pdbx_struct_oper_list.vector[1]            0.0000000000 
_pdbx_struct_oper_list.matrix[2][1]         0.0000000000 
_pdbx_struct_oper_list.matrix[2][2]         1.0000000000 
_pdbx_struct_oper_list.matrix[2][3]         0.0000000000 
_pdbx_struct_oper_list.vector[2]            0.0000000000 
_pdbx_struct_oper_list.matrix[3][1]         0.0000000000 
_pdbx_struct_oper_list.matrix[3][2]         0.0000000000 
_pdbx_struct_oper_list.matrix[3][3]         1.0000000000 
_pdbx_struct_oper_list.vector[3]            0.0000000000 
# 
_struct_biol.id   1 
# 
_struct_conf.conf_type_id            HELX_P 
_struct_conf.id                      HELX_P1 
_struct_conf.pdbx_PDB_helix_id       1 
_struct_conf.beg_label_comp_id       PRO 
_struct_conf.beg_label_asym_id       A 
_struct_conf.beg_label_seq_id        3 
_struct_conf.pdbx_beg_PDB_ins_code   ? 
_struct_conf.end_label_comp_id       LEU 
_struct_conf.end_label_asym_id       A 
_struct_conf.end_label_seq_id        13 
_struct_conf.pdbx_end_PDB_ins_code   ? 
_struct_conf.beg_auth_comp_id        PRO 
_struct_conf.beg_auth_asym_id        A 
_struct_conf.beg_auth_seq_id         3 
_struct_conf.end_auth_comp_id        LEU 
_struct_conf.end_auth_asym_id        A 
_struct_conf.end_auth_seq_id         13 
_struct_conf.pdbx_PDB_helix_class    1 
_struct_conf.details                 ? 
_struct_conf.pdbx_PDB_helix_length   11 
# 
_struct_conf_type.id          HELX_P 
_struct_conf_type.criteria    ? 
_struct_conf_type.reference   ? 
# 
loop_
_pdbx_validate_rmsd_angle.id 
_pdbx_validate_rmsd_angle.PDB_model_num 
_pdbx_validate_rmsd_angle.auth_atom_id_1 
_pdbx_validate_rmsd_angle.auth_asym_id_1 
_pdbx_validate_rmsd_angle.auth_comp_id_1 
_pdbx_validate_rmsd_angle.auth_seq_id_1 
_pdbx_validate_rmsd_angle.PDB_ins_code_1 
_pdbx_validate_rmsd_angle.label_alt_id_1 
_pdbx_validate_rmsd_angle.auth_atom_id_2 
_pdbx_validate_rmsd_angle.auth_asym_id_2 
_pdbx_validate_rmsd_angle.auth_comp_id_2 
_pdbx_validate_rmsd_angle.auth_seq_id_2 
_pdbx_validate_rmsd_angle.PDB_ins_code_2 
_pdbx_validate_rmsd_angle.label_alt_id_2 
_pdbx_validate_rmsd_angle.auth_atom_id_3 
_pdbx_validate_rmsd_angle.auth_asym_id_3 
_pdbx_validate_rmsd_angle.auth_comp_id_3 
_pdbx_validate_rmsd_angle.auth_seq_id_3 
_pdbx_validate_rmsd_angle.PDB_ins_code_3 
_pdbx_validate_rmsd_angle.label_alt_id_3 
_pdbx_validate_rmsd_angle.angle_value 
_pdbx_validate_rmsd_angle.angle_target_value 
_pdbx_validate_rmsd_angle.angle_deviation 
_pdbx_validate_rmsd_angle.angle_standard_deviation 
_pdbx_validate_rmsd_angle.linker_flag 
1 1 NE A ARG 1  ? ? CZ A ARG 1  ? ? NH2 A ARG 1  ? ? 113.83 120.30 -6.47 0.50 N 
2 1 NE A ARG 6  ? ? CZ A ARG 6  ? ? NH2 A ARG 6  ? ? 114.05 120.30 -6.25 0.50 N 
3 1 NE A ARG 11 ? ? CZ A ARG 11 ? ? NH2 A ARG 11 ? ? 114.84 120.30 -5.46 0.50 N 
# 
loop_
_pdbx_validate_planes.id 
_pdbx_validate_planes.PDB_model_num 
_pdbx_validate_planes.auth_comp_id 
_pdbx_validate_planes.auth_asym_id 
_pdbx_validate_planes.auth_seq_id 
_pdbx_validate_planes.PDB_ins_code 
_pdbx_validate_planes.label_alt_id 
_pdbx_validate_planes.rmsd 
_pdbx_validate_planes.type 
1 1 ARG A 1  ? ? 0.160 'SIDE CHAIN' 
2 1 ARG A 6  ? ? 0.120 'SIDE CHAIN' 
3 1 ARG A 11 ? ? 0.122 'SIDE CHAIN' 
# 
_pdbx_validate_main_chain_plane.id                       1 
_pdbx_validate_main_chain_plane.PDB_model_num            1 
_pdbx_validate_main_chain_plane.auth_comp_id             PHE 
_pdbx_validate_main_chain_plane.auth_asym_id             A 
_pdbx_validate_main_chain_plane.auth_seq_id              9 
_pdbx_validate_main_chain_plane.PDB_ins_code             ? 
_pdbx_validate_main_chain_plane.label_alt_id             ? 
_pdbx_validate_main_chain_plane.improper_torsion_angle   -10.53 
# 
_pdbx_nmr_ensemble.entry_id                             1DEP 
_pdbx_nmr_ensemble.conformers_calculated_total_number   ? 
_pdbx_nmr_ensemble.conformers_submitted_total_number    1 
_pdbx_nmr_ensemble.conformer_selection_criteria         ? 
# 
_pdbx_nmr_software.classification   refinement 
_pdbx_nmr_software.name             EREF 
_pdbx_nmr_software.version          ? 
_pdbx_nmr_software.authors          JACK,LEVITT 
_pdbx_nmr_software.ordinal          1 
# 
loop_
_chem_comp_atom.comp_id 
_chem_comp_atom.atom_id 
_chem_comp_atom.type_symbol 
_chem_comp_atom.pdbx_aromatic_flag 
_chem_comp_atom.pdbx_stereo_config 
_chem_comp_atom.pdbx_ordinal 
ALA N    N N N 1   
ALA CA   C N S 2   
ALA C    C N N 3   
ALA O    O N N 4   
ALA CB   C N N 5   
ALA OXT  O N N 6   
ALA H    H N N 7   
ALA H2   H N N 8   
ALA HA   H N N 9   
ALA HB1  H N N 10  
ALA HB2  H N N 11  
ALA HB3  H N N 12  
ALA HXT  H N N 13  
ARG N    N N N 14  
ARG CA   C N S 15  
ARG C    C N N 16  
ARG O    O N N 17  
ARG CB   C N N 18  
ARG CG   C N N 19  
ARG CD   C N N 20  
ARG NE   N N N 21  
ARG CZ   C N N 22  
ARG NH1  N N N 23  
ARG NH2  N N N 24  
ARG OXT  O N N 25  
ARG H    H N N 26  
ARG H2   H N N 27  
ARG HA   H N N 28  
ARG HB2  H N N 29  
ARG HB3  H N N 30  
ARG HG2  H N N 31  
ARG HG3  H N N 32  
ARG HD2  H N N 33  
ARG HD3  H N N 34  
ARG HE   H N N 35  
ARG HH11 H N N 36  
ARG HH12 H N N 37  
ARG HH21 H N N 38  
ARG HH22 H N N 39  
ARG HXT  H N N 40  
ASP N    N N N 41  
ASP CA   C N S 42  
ASP C    C N N 43  
ASP O    O N N 44  
ASP CB   C N N 45  
ASP CG   C N N 46  
ASP OD1  O N N 47  
ASP OD2  O N N 48  
ASP OXT  O N N 49  
ASP H    H N N 50  
ASP H2   H N N 51  
ASP HA   H N N 52  
ASP HB2  H N N 53  
ASP HB3  H N N 54  
ASP HD2  H N N 55  
ASP HXT  H N N 56  
CYS N    N N N 57  
CYS CA   C N R 58  
CYS C    C N N 59  
CYS O    O N N 60  
CYS CB   C N N 61  
CYS SG   S N N 62  
CYS OXT  O N N 63  
CYS H    H N N 64  
CYS H2   H N N 65  
CYS HA   H N N 66  
CYS HB2  H N N 67  
CYS HB3  H N N 68  
CYS HG   H N N 69  
CYS HXT  H N N 70  
LEU N    N N N 71  
LEU CA   C N S 72  
LEU C    C N N 73  
LEU O    O N N 74  
LEU CB   C N N 75  
LEU CG   C N N 76  
LEU CD1  C N N 77  
LEU CD2  C N N 78  
LEU OXT  O N N 79  
LEU H    H N N 80  
LEU H2   H N N 81  
LEU HA   H N N 82  
LEU HB2  H N N 83  
LEU HB3  H N N 84  
LEU HG   H N N 85  
LEU HD11 H N N 86  
LEU HD12 H N N 87  
LEU HD13 H N N 88  
LEU HD21 H N N 89  
LEU HD22 H N N 90  
LEU HD23 H N N 91  
LEU HXT  H N N 92  
LYS N    N N N 93  
LYS CA   C N S 94  
LYS C    C N N 95  
LYS O    O N N 96  
LYS CB   C N N 97  
LYS CG   C N N 98  
LYS CD   C N N 99  
LYS CE   C N N 100 
LYS NZ   N N N 101 
LYS OXT  O N N 102 
LYS H    H N N 103 
LYS H2   H N N 104 
LYS HA   H N N 105 
LYS HB2  H N N 106 
LYS HB3  H N N 107 
LYS HG2  H N N 108 
LYS HG3  H N N 109 
LYS HD2  H N N 110 
LYS HD3  H N N 111 
LYS HE2  H N N 112 
LYS HE3  H N N 113 
LYS HZ1  H N N 114 
LYS HZ2  H N N 115 
LYS HZ3  H N N 116 
LYS HXT  H N N 117 
PHE N    N N N 118 
PHE CA   C N S 119 
PHE C    C N N 120 
PHE O    O N N 121 
PHE CB   C N N 122 
PHE CG   C Y N 123 
PHE CD1  C Y N 124 
PHE CD2  C Y N 125 
PHE CE1  C Y N 126 
PHE CE2  C Y N 127 
PHE CZ   C Y N 128 
PHE OXT  O N N 129 
PHE H    H N N 130 
PHE H2   H N N 131 
PHE HA   H N N 132 
PHE HB2  H N N 133 
PHE HB3  H N N 134 
PHE HD1  H N N 135 
PHE HD2  H N N 136 
PHE HE1  H N N 137 
PHE HE2  H N N 138 
PHE HZ   H N N 139 
PHE HXT  H N N 140 
PRO N    N N N 141 
PRO CA   C N S 142 
PRO C    C N N 143 
PRO O    O N N 144 
PRO CB   C N N 145 
PRO CG   C N N 146 
PRO CD   C N N 147 
PRO OXT  O N N 148 
PRO H    H N N 149 
PRO HA   H N N 150 
PRO HB2  H N N 151 
PRO HB3  H N N 152 
PRO HG2  H N N 153 
PRO HG3  H N N 154 
PRO HD2  H N N 155 
PRO HD3  H N N 156 
PRO HXT  H N N 157 
SER N    N N N 158 
SER CA   C N S 159 
SER C    C N N 160 
SER O    O N N 161 
SER CB   C N N 162 
SER OG   O N N 163 
SER OXT  O N N 164 
SER H    H N N 165 
SER H2   H N N 166 
SER HA   H N N 167 
SER HB2  H N N 168 
SER HB3  H N N 169 
SER HG   H N N 170 
SER HXT  H N N 171 
# 
loop_
_chem_comp_bond.comp_id 
_chem_comp_bond.atom_id_1 
_chem_comp_bond.atom_id_2 
_chem_comp_bond.value_order 
_chem_comp_bond.pdbx_aromatic_flag 
_chem_comp_bond.pdbx_stereo_config 
_chem_comp_bond.pdbx_ordinal 
ALA N   CA   sing N N 1   
ALA N   H    sing N N 2   
ALA N   H2   sing N N 3   
ALA CA  C    sing N N 4   
ALA CA  CB   sing N N 5   
ALA CA  HA   sing N N 6   
ALA C   O    doub N N 7   
ALA C   OXT  sing N N 8   
ALA CB  HB1  sing N N 9   
ALA CB  HB2  sing N N 10  
ALA CB  HB3  sing N N 11  
ALA OXT HXT  sing N N 12  
ARG N   CA   sing N N 13  
ARG N   H    sing N N 14  
ARG N   H2   sing N N 15  
ARG CA  C    sing N N 16  
ARG CA  CB   sing N N 17  
ARG CA  HA   sing N N 18  
ARG C   O    doub N N 19  
ARG C   OXT  sing N N 20  
ARG CB  CG   sing N N 21  
ARG CB  HB2  sing N N 22  
ARG CB  HB3  sing N N 23  
ARG CG  CD   sing N N 24  
ARG CG  HG2  sing N N 25  
ARG CG  HG3  sing N N 26  
ARG CD  NE   sing N N 27  
ARG CD  HD2  sing N N 28  
ARG CD  HD3  sing N N 29  
ARG NE  CZ   sing N N 30  
ARG NE  HE   sing N N 31  
ARG CZ  NH1  sing N N 32  
ARG CZ  NH2  doub N N 33  
ARG NH1 HH11 sing N N 34  
ARG NH1 HH12 sing N N 35  
ARG NH2 HH21 sing N N 36  
ARG NH2 HH22 sing N N 37  
ARG OXT HXT  sing N N 38  
ASP N   CA   sing N N 39  
ASP N   H    sing N N 40  
ASP N   H2   sing N N 41  
ASP CA  C    sing N N 42  
ASP CA  CB   sing N N 43  
ASP CA  HA   sing N N 44  
ASP C   O    doub N N 45  
ASP C   OXT  sing N N 46  
ASP CB  CG   sing N N 47  
ASP CB  HB2  sing N N 48  
ASP CB  HB3  sing N N 49  
ASP CG  OD1  doub N N 50  
ASP CG  OD2  sing N N 51  
ASP OD2 HD2  sing N N 52  
ASP OXT HXT  sing N N 53  
CYS N   CA   sing N N 54  
CYS N   H    sing N N 55  
CYS N   H2   sing N N 56  
CYS CA  C    sing N N 57  
CYS CA  CB   sing N N 58  
CYS CA  HA   sing N N 59  
CYS C   O    doub N N 60  
CYS C   OXT  sing N N 61  
CYS CB  SG   sing N N 62  
CYS CB  HB2  sing N N 63  
CYS CB  HB3  sing N N 64  
CYS SG  HG   sing N N 65  
CYS OXT HXT  sing N N 66  
LEU N   CA   sing N N 67  
LEU N   H    sing N N 68  
LEU N   H2   sing N N 69  
LEU CA  C    sing N N 70  
LEU CA  CB   sing N N 71  
LEU CA  HA   sing N N 72  
LEU C   O    doub N N 73  
LEU C   OXT  sing N N 74  
LEU CB  CG   sing N N 75  
LEU CB  HB2  sing N N 76  
LEU CB  HB3  sing N N 77  
LEU CG  CD1  sing N N 78  
LEU CG  CD2  sing N N 79  
LEU CG  HG   sing N N 80  
LEU CD1 HD11 sing N N 81  
LEU CD1 HD12 sing N N 82  
LEU CD1 HD13 sing N N 83  
LEU CD2 HD21 sing N N 84  
LEU CD2 HD22 sing N N 85  
LEU CD2 HD23 sing N N 86  
LEU OXT HXT  sing N N 87  
LYS N   CA   sing N N 88  
LYS N   H    sing N N 89  
LYS N   H2   sing N N 90  
LYS CA  C    sing N N 91  
LYS CA  CB   sing N N 92  
LYS CA  HA   sing N N 93  
LYS C   O    doub N N 94  
LYS C   OXT  sing N N 95  
LYS CB  CG   sing N N 96  
LYS CB  HB2  sing N N 97  
LYS CB  HB3  sing N N 98  
LYS CG  CD   sing N N 99  
LYS CG  HG2  sing N N 100 
LYS CG  HG3  sing N N 101 
LYS CD  CE   sing N N 102 
LYS CD  HD2  sing N N 103 
LYS CD  HD3  sing N N 104 
LYS CE  NZ   sing N N 105 
LYS CE  HE2  sing N N 106 
LYS CE  HE3  sing N N 107 
LYS NZ  HZ1  sing N N 108 
LYS NZ  HZ2  sing N N 109 
LYS NZ  HZ3  sing N N 110 
LYS OXT HXT  sing N N 111 
PHE N   CA   sing N N 112 
PHE N   H    sing N N 113 
PHE N   H2   sing N N 114 
PHE CA  C    sing N N 115 
PHE CA  CB   sing N N 116 
PHE CA  HA   sing N N 117 
PHE C   O    doub N N 118 
PHE C   OXT  sing N N 119 
PHE CB  CG   sing N N 120 
PHE CB  HB2  sing N N 121 
PHE CB  HB3  sing N N 122 
PHE CG  CD1  doub Y N 123 
PHE CG  CD2  sing Y N 124 
PHE CD1 CE1  sing Y N 125 
PHE CD1 HD1  sing N N 126 
PHE CD2 CE2  doub Y N 127 
PHE CD2 HD2  sing N N 128 
PHE CE1 CZ   doub Y N 129 
PHE CE1 HE1  sing N N 130 
PHE CE2 CZ   sing Y N 131 
PHE CE2 HE2  sing N N 132 
PHE CZ  HZ   sing N N 133 
PHE OXT HXT  sing N N 134 
PRO N   CA   sing N N 135 
PRO N   CD   sing N N 136 
PRO N   H    sing N N 137 
PRO CA  C    sing N N 138 
PRO CA  CB   sing N N 139 
PRO CA  HA   sing N N 140 
PRO C   O    doub N N 141 
PRO C   OXT  sing N N 142 
PRO CB  CG   sing N N 143 
PRO CB  HB2  sing N N 144 
PRO CB  HB3  sing N N 145 
PRO CG  CD   sing N N 146 
PRO CG  HG2  sing N N 147 
PRO CG  HG3  sing N N 148 
PRO CD  HD2  sing N N 149 
PRO CD  HD3  sing N N 150 
PRO OXT HXT  sing N N 151 
SER N   CA   sing N N 152 
SER N   H    sing N N 153 
SER N   H2   sing N N 154 
SER CA  C    sing N N 155 
SER CA  CB   sing N N 156 
SER CA  HA   sing N N 157 
SER C   O    doub N N 158 
SER C   OXT  sing N N 159 
SER CB  OG   sing N N 160 
SER CB  HB2  sing N N 161 
SER CB  HB3  sing N N 162 
SER OG  HG   sing N N 163 
SER OXT HXT  sing N N 164 
# 
_atom_sites.entry_id                    1DEP 
_atom_sites.fract_transf_matrix[1][1]   1.000000 
_atom_sites.fract_transf_matrix[1][2]   0.000000 
_atom_sites.fract_transf_matrix[1][3]   0.000000 
_atom_sites.fract_transf_matrix[2][1]   0.000000 
_atom_sites.fract_transf_matrix[2][2]   1.000000 
_atom_sites.fract_transf_matrix[2][3]   0.000000 
_atom_sites.fract_transf_matrix[3][1]   0.000000 
_atom_sites.fract_transf_matrix[3][2]   0.000000 
_atom_sites.fract_transf_matrix[3][3]   1.000000 
_atom_sites.fract_transf_vector[1]      0.00000 
_atom_sites.fract_transf_vector[2]      0.00000 
_atom_sites.fract_transf_vector[3]      0.00000 
# 
loop_
_atom_type.symbol 
C 
H 
N 
O 
S 
# 
loop_
_atom_site.group_PDB 
_atom_site.id 
_atom_site.type_symbol 
_atom_site.label_atom_id 
_atom_site.label_alt_id 
_atom_site.label_comp_id 
_atom_site.label_asym_id 
_atom_site.label_entity_id 
_atom_site.label_seq_id 
_atom_site.pdbx_PDB_ins_code 
_atom_site.Cartn_x 
_atom_site.Cartn_y 
_atom_site.Cartn_z 
_atom_site.occupancy 
_atom_site.B_iso_or_equiv 
_atom_site.pdbx_formal_charge 
_atom_site.auth_seq_id 
_atom_site.auth_comp_id 
_atom_site.auth_asym_id 
_atom_site.auth_atom_id 
_atom_site.pdbx_PDB_model_num 
ATOM 1   N N    . ARG A 1 1  ? -1.451 -9.556  -10.418 1.00 0.00 ? 1  ARG A N    1 
ATOM 2   C CA   . ARG A 1 1  ? -2.070 -8.850  -9.289  1.00 0.00 ? 1  ARG A CA   1 
ATOM 3   C C    . ARG A 1 1  ? -1.405 -7.517  -8.981  1.00 0.00 ? 1  ARG A C    1 
ATOM 4   O O    . ARG A 1 1  ? -0.379 -7.167  -9.629  1.00 0.00 ? 1  ARG A O    1 
ATOM 5   C CB   . ARG A 1 1  ? -2.065 -9.752  -8.030  1.00 0.00 ? 1  ARG A CB   1 
ATOM 6   C CG   . ARG A 1 1  ? -3.429 -10.349 -7.530  1.00 0.00 ? 1  ARG A CG   1 
ATOM 7   C CD   . ARG A 1 1  ? -4.252 -11.239 -8.507  1.00 0.00 ? 1  ARG A CD   1 
ATOM 8   N NE   . ARG A 1 1  ? -4.696 -10.334 -9.572  1.00 0.00 ? 1  ARG A NE   1 
ATOM 9   C CZ   . ARG A 1 1  ? -5.776 -9.560  -9.457  1.00 0.00 ? 1  ARG A CZ   1 
ATOM 10  N NH1  . ARG A 1 1  ? -6.524 -9.596  -8.346  1.00 0.00 ? 1  ARG A NH1  1 
ATOM 11  N NH2  . ARG A 1 1  ? -5.670 -8.397  -10.082 1.00 0.00 ? 1  ARG A NH2  1 
ATOM 12  H H1   . ARG A 1 1  ? -0.426 -9.632  -10.260 1.00 0.00 ? 1  ARG A H1   1 
ATOM 13  H H2   . ARG A 1 1  ? -1.861 -10.509 -10.499 1.00 0.00 ? 1  ARG A H2   1 
ATOM 14  H H3   . ARG A 1 1  ? -1.628 -9.028  -11.297 1.00 0.00 ? 1  ARG A H3   1 
ATOM 15  H HA   . ARG A 1 1  ? -3.090 -8.676  -9.600  1.00 0.00 ? 1  ARG A HA   1 
ATOM 16  H HB2  . ARG A 1 1  ? -1.411 -10.585 -8.239  1.00 0.00 ? 1  ARG A HB2  1 
ATOM 17  H HB3  . ARG A 1 1  ? -1.658 -9.167  -7.220  1.00 0.00 ? 1  ARG A HB3  1 
ATOM 18  H HG2  . ARG A 1 1  ? -3.214 -10.947 -6.659  1.00 0.00 ? 1  ARG A HG2  1 
ATOM 19  H HG3  . ARG A 1 1  ? -4.057 -9.517  -7.252  1.00 0.00 ? 1  ARG A HG3  1 
ATOM 20  H HD2  . ARG A 1 1  ? -3.634 -12.027 -8.913  1.00 0.00 ? 1  ARG A HD2  1 
ATOM 21  H HD3  . ARG A 1 1  ? -5.101 -11.673 -8.001  1.00 0.00 ? 1  ARG A HD3  1 
ATOM 22  H HE   . ARG A 1 1  ? -4.177 -10.296 -10.403 1.00 0.00 ? 1  ARG A HE   1 
ATOM 23  H HH11 . ARG A 1 1  ? -6.285 -10.220 -7.603  1.00 0.00 ? 1  ARG A HH11 1 
ATOM 24  H HH12 . ARG A 1 1  ? -7.320 -8.997  -8.261  1.00 0.00 ? 1  ARG A HH12 1 
ATOM 25  H HH21 . ARG A 1 1  ? -4.845 -8.183  -10.604 1.00 0.00 ? 1  ARG A HH21 1 
ATOM 26  H HH22 . ARG A 1 1  ? -6.416 -7.734  -10.032 1.00 0.00 ? 1  ARG A HH22 1 
ATOM 27  N N    . SER A 1 2  ? -1.944 -6.816  -7.997  1.00 0.00 ? 2  SER A N    1 
ATOM 28  C CA   . SER A 1 2  ? -1.335 -5.547  -7.552  1.00 0.00 ? 2  SER A CA   1 
ATOM 29  C C    . SER A 1 2  ? -1.007 -5.425  -6.058  1.00 0.00 ? 2  SER A C    1 
ATOM 30  O O    . SER A 1 2  ? -1.724 -4.726  -5.296  1.00 0.00 ? 2  SER A O    1 
ATOM 31  C CB   . SER A 1 2  ? -2.141 -4.338  -8.042  1.00 0.00 ? 2  SER A CB   1 
ATOM 32  O OG   . SER A 1 2  ? -3.427 -4.277  -7.391  1.00 0.00 ? 2  SER A OG   1 
ATOM 33  H H    . SER A 1 2  ? -2.757 -7.143  -7.559  1.00 0.00 ? 2  SER A H    1 
ATOM 34  H HA   . SER A 1 2  ? -0.330 -5.482  -7.945  1.00 0.00 ? 2  SER A HA   1 
ATOM 35  H HB2  . SER A 1 2  ? -1.591 -3.435  -7.823  1.00 0.00 ? 2  SER A HB2  1 
ATOM 36  H HB3  . SER A 1 2  ? -2.288 -4.421  -9.108  1.00 0.00 ? 2  SER A HB3  1 
ATOM 37  H HG   . SER A 1 2  ? -3.283 -4.057  -6.468  1.00 0.00 ? 2  SER A HG   1 
ATOM 38  N N    . PRO A 1 3  ? -0.009 -6.175  -5.622  1.00 0.00 ? 3  PRO A N    1 
ATOM 39  C CA   . PRO A 1 3  ? 0.321  -6.243  -4.191  1.00 0.00 ? 3  PRO A CA   1 
ATOM 40  C C    . PRO A 1 3  ? 0.988  -4.956  -3.730  1.00 0.00 ? 3  PRO A C    1 
ATOM 41  O O    . PRO A 1 3  ? 0.735  -4.510  -2.576  1.00 0.00 ? 3  PRO A O    1 
ATOM 42  C CB   . PRO A 1 3  ? 1.328  -7.383  -3.996  1.00 0.00 ? 3  PRO A CB   1 
ATOM 43  C CG   . PRO A 1 3  ? 1.700  -7.885  -5.396  1.00 0.00 ? 3  PRO A CG   1 
ATOM 44  C CD   . PRO A 1 3  ? 0.884  -7.059  -6.402  1.00 0.00 ? 3  PRO A CD   1 
ATOM 45  H HA   . PRO A 1 3  ? -0.573 -6.439  -3.617  1.00 0.00 ? 3  PRO A HA   1 
ATOM 46  H HB2  . PRO A 1 3  ? 2.207  -7.020  -3.484  1.00 0.00 ? 3  PRO A HB2  1 
ATOM 47  H HB3  . PRO A 1 3  ? 0.881  -8.180  -3.422  1.00 0.00 ? 3  PRO A HB3  1 
ATOM 48  H HG2  . PRO A 1 3  ? 2.757  -7.745  -5.572  1.00 0.00 ? 3  PRO A HG2  1 
ATOM 49  H HG3  . PRO A 1 3  ? 1.456  -8.932  -5.491  1.00 0.00 ? 3  PRO A HG3  1 
ATOM 50  H HD2  . PRO A 1 3  ? 1.545  -6.467  -7.018  1.00 0.00 ? 3  PRO A HD2  1 
ATOM 51  H HD3  . PRO A 1 3  ? 0.299  -7.714  -7.030  1.00 0.00 ? 3  PRO A HD3  1 
ATOM 52  N N    . ASP A 1 4  ? 1.853  -4.429  -4.591  1.00 0.00 ? 4  ASP A N    1 
ATOM 53  C CA   . ASP A 1 4  ? 2.614  -3.207  -4.323  1.00 0.00 ? 4  ASP A CA   1 
ATOM 54  C C    . ASP A 1 4  ? 1.699  -2.034  -4.032  1.00 0.00 ? 4  ASP A C    1 
ATOM 55  O O    . ASP A 1 4  ? 1.944  -1.303  -3.039  1.00 0.00 ? 4  ASP A O    1 
ATOM 56  C CB   . ASP A 1 4  ? 3.546  -2.829  -5.487  1.00 0.00 ? 4  ASP A CB   1 
ATOM 57  C CG   . ASP A 1 4  ? 4.809  -3.684  -5.402  1.00 0.00 ? 4  ASP A CG   1 
ATOM 58  O OD1  . ASP A 1 4  ? 4.728  -4.942  -5.359  1.00 0.00 ? 4  ASP A OD1  1 
ATOM 59  O OD2  . ASP A 1 4  ? 5.944  -3.131  -5.303  1.00 0.00 ? 4  ASP A OD2  1 
ATOM 60  H H    . ASP A 1 4  ? 1.989  -4.881  -5.449  1.00 0.00 ? 4  ASP A H    1 
ATOM 61  H HA   . ASP A 1 4  ? 3.211  -3.358  -3.435  1.00 0.00 ? 4  ASP A HA   1 
ATOM 62  H HB2  . ASP A 1 4  ? 3.046  -3.012  -6.427  1.00 0.00 ? 4  ASP A HB2  1 
ATOM 63  H HB3  . ASP A 1 4  ? 3.810  -1.785  -5.416  1.00 0.00 ? 4  ASP A HB3  1 
ATOM 64  N N    . PHE A 1 5  ? 0.657  -1.925  -4.825  1.00 0.00 ? 5  PHE A N    1 
ATOM 65  C CA   . PHE A 1 5  ? -0.320 -0.838  -4.658  1.00 0.00 ? 5  PHE A CA   1 
ATOM 66  C C    . PHE A 1 5  ? -1.025 -0.932  -3.321  1.00 0.00 ? 5  PHE A C    1 
ATOM 67  O O    . PHE A 1 5  ? -1.105 0.105   -2.606  1.00 0.00 ? 5  PHE A O    1 
ATOM 68  C CB   . PHE A 1 5  ? -1.363 -0.825  -5.782  1.00 0.00 ? 5  PHE A CB   1 
ATOM 69  C CG   . PHE A 1 5  ? -0.706 -0.448  -7.113  1.00 0.00 ? 5  PHE A CG   1 
ATOM 70  C CD1  . PHE A 1 5  ? 0.219  0.576   -7.170  1.00 0.00 ? 5  PHE A CD1  1 
ATOM 71  C CD2  . PHE A 1 5  ? -1.028 -1.142  -8.257  1.00 0.00 ? 5  PHE A CD2  1 
ATOM 72  C CE1  . PHE A 1 5  ? 0.823  0.902   -8.375  1.00 0.00 ? 5  PHE A CE1  1 
ATOM 73  C CE2  . PHE A 1 5  ? -0.426 -0.825  -9.461  1.00 0.00 ? 5  PHE A CE2  1 
ATOM 74  C CZ   . PHE A 1 5  ? 0.501  0.198   -9.524  1.00 0.00 ? 5  PHE A CZ   1 
ATOM 75  H H    . PHE A 1 5  ? 0.529  -2.580  -5.543  1.00 0.00 ? 5  PHE A H    1 
ATOM 76  H HA   . PHE A 1 5  ? 0.205  0.105   -4.657  1.00 0.00 ? 5  PHE A HA   1 
ATOM 77  H HB2  . PHE A 1 5  ? -1.807 -1.806  -5.870  1.00 0.00 ? 5  PHE A HB2  1 
ATOM 78  H HB3  . PHE A 1 5  ? -2.131 -0.102  -5.548  1.00 0.00 ? 5  PHE A HB3  1 
ATOM 79  H HD1  . PHE A 1 5  ? 0.472  1.124   -6.274  1.00 0.00 ? 5  PHE A HD1  1 
ATOM 80  H HD2  . PHE A 1 5  ? -1.755 -1.940  -8.214  1.00 0.00 ? 5  PHE A HD2  1 
ATOM 81  H HE1  . PHE A 1 5  ? 1.544  1.705   -8.418  1.00 0.00 ? 5  PHE A HE1  1 
ATOM 82  H HE2  . PHE A 1 5  ? -0.680 -1.379  -10.353 1.00 0.00 ? 5  PHE A HE2  1 
ATOM 83  H HZ   . PHE A 1 5  ? 0.971  0.447   -10.463 1.00 0.00 ? 5  PHE A HZ   1 
ATOM 84  N N    . ARG A 1 6  ? -1.385 -2.147  -2.964  1.00 0.00 ? 6  ARG A N    1 
ATOM 85  C CA   . ARG A 1 6  ? -2.026 -2.371  -1.668  1.00 0.00 ? 6  ARG A CA   1 
ATOM 86  C C    . ARG A 1 6  ? -1.086 -2.028  -0.538  1.00 0.00 ? 6  ARG A C    1 
ATOM 87  O O    . ARG A 1 6  ? -1.537 -1.376  0.439   1.00 0.00 ? 6  ARG A O    1 
ATOM 88  C CB   . ARG A 1 6  ? -2.454 -3.815  -1.442  1.00 0.00 ? 6  ARG A CB   1 
ATOM 89  C CG   . ARG A 1 6  ? -3.758 -4.153  -2.165  1.00 0.00 ? 6  ARG A CG   1 
ATOM 90  C CD   . ARG A 1 6  ? -4.130 -5.595  -1.810  1.00 0.00 ? 6  ARG A CD   1 
ATOM 91  N NE   . ARG A 1 6  ? -4.941 -5.626  -0.576  1.00 0.00 ? 6  ARG A NE   1 
ATOM 92  C CZ   . ARG A 1 6  ? -5.233 -6.755  0.076   1.00 0.00 ? 6  ARG A CZ   1 
ATOM 93  N NH1  . ARG A 1 6  ? -4.967 -7.923  -0.517  1.00 0.00 ? 6  ARG A NH1  1 
ATOM 94  N NH2  . ARG A 1 6  ? -6.307 -6.673  0.842   1.00 0.00 ? 6  ARG A NH2  1 
ATOM 95  H H    . ARG A 1 6  ? -1.224 -2.902  -3.566  1.00 0.00 ? 6  ARG A H    1 
ATOM 96  H HA   . ARG A 1 6  ? -2.902 -1.742  -1.607  1.00 0.00 ? 6  ARG A HA   1 
ATOM 97  H HB2  . ARG A 1 6  ? -1.675 -4.468  -1.805  1.00 0.00 ? 6  ARG A HB2  1 
ATOM 98  H HB3  . ARG A 1 6  ? -2.592 -3.974  -0.383  1.00 0.00 ? 6  ARG A HB3  1 
ATOM 99  H HG2  . ARG A 1 6  ? -4.541 -3.482  -1.844  1.00 0.00 ? 6  ARG A HG2  1 
ATOM 100 H HG3  . ARG A 1 6  ? -3.620 -4.061  -3.233  1.00 0.00 ? 6  ARG A HG3  1 
ATOM 101 H HD2  . ARG A 1 6  ? -4.698 -6.026  -2.621  1.00 0.00 ? 6  ARG A HD2  1 
ATOM 102 H HD3  . ARG A 1 6  ? -3.228 -6.168  -1.657  1.00 0.00 ? 6  ARG A HD3  1 
ATOM 103 H HE   . ARG A 1 6  ? -5.281 -4.779  -0.220  1.00 0.00 ? 6  ARG A HE   1 
ATOM 104 H HH11 . ARG A 1 6  ? -4.055 -8.327  -0.439  1.00 0.00 ? 6  ARG A HH11 1 
ATOM 105 H HH12 . ARG A 1 6  ? -5.679 -8.393  -1.038  1.00 0.00 ? 6  ARG A HH12 1 
ATOM 106 H HH21 . ARG A 1 6  ? -7.191 -6.433  0.439   1.00 0.00 ? 6  ARG A HH21 1 
ATOM 107 H HH22 . ARG A 1 6  ? -6.236 -6.850  1.823   1.00 0.00 ? 6  ARG A HH22 1 
ATOM 108 N N    . LYS A 1 7  ? 0.160  -2.409  -0.737  1.00 0.00 ? 7  LYS A N    1 
ATOM 109 C CA   . LYS A 1 7  ? 1.179  -2.127  0.259   1.00 0.00 ? 7  LYS A CA   1 
ATOM 110 C C    . LYS A 1 7  ? 1.374  -0.637  0.408   1.00 0.00 ? 7  LYS A C    1 
ATOM 111 O O    . LYS A 1 7  ? 1.568  -0.194  1.554   1.00 0.00 ? 7  LYS A O    1 
ATOM 112 C CB   . LYS A 1 7  ? 2.552  -2.721  -0.049  1.00 0.00 ? 7  LYS A CB   1 
ATOM 113 C CG   . LYS A 1 7  ? 3.083  -3.491  1.175   1.00 0.00 ? 7  LYS A CG   1 
ATOM 114 C CD   . LYS A 1 7  ? 2.390  -4.862  1.344   1.00 0.00 ? 7  LYS A CD   1 
ATOM 115 C CE   . LYS A 1 7  ? 3.361  -6.030  1.084   1.00 0.00 ? 7  LYS A CE   1 
ATOM 116 N NZ   . LYS A 1 7  ? 3.110  -6.660  -0.214  1.00 0.00 ? 7  LYS A NZ   1 
ATOM 117 H H    . LYS A 1 7  ? 0.400  -2.884  -1.560  1.00 0.00 ? 7  LYS A H    1 
ATOM 118 H HA   . LYS A 1 7  ? 0.844  -2.525  1.205   1.00 0.00 ? 7  LYS A HA   1 
ATOM 119 H HB2  . LYS A 1 7  ? 2.469  -3.397  -0.888  1.00 0.00 ? 7  LYS A HB2  1 
ATOM 120 H HB3  . LYS A 1 7  ? 3.239  -1.925  -0.295  1.00 0.00 ? 7  LYS A HB3  1 
ATOM 121 H HG2  . LYS A 1 7  ? 4.144  -3.649  1.054   1.00 0.00 ? 7  LYS A HG2  1 
ATOM 122 H HG3  . LYS A 1 7  ? 2.907  -2.899  2.062   1.00 0.00 ? 7  LYS A HG3  1 
ATOM 123 H HD2  . LYS A 1 7  ? 2.012  -4.940  2.352   1.00 0.00 ? 7  LYS A HD2  1 
ATOM 124 H HD3  . LYS A 1 7  ? 1.569  -4.927  0.646   1.00 0.00 ? 7  LYS A HD3  1 
ATOM 125 H HE2  . LYS A 1 7  ? 4.374  -5.655  1.101   1.00 0.00 ? 7  LYS A HE2  1 
ATOM 126 H HE3  . LYS A 1 7  ? 3.238  -6.769  1.862   1.00 0.00 ? 7  LYS A HE3  1 
ATOM 127 H HZ1  . LYS A 1 7  ? 2.979  -5.924  -0.937  1.00 0.00 ? 7  LYS A HZ1  1 
ATOM 128 H HZ2  . LYS A 1 7  ? 3.920  -7.259  -0.471  1.00 0.00 ? 7  LYS A HZ2  1 
ATOM 129 H HZ3  . LYS A 1 7  ? 2.252  -7.244  -0.156  1.00 0.00 ? 7  LYS A HZ3  1 
ATOM 130 N N    . ALA A 1 8  ? 1.402  0.043   -0.714  1.00 0.00 ? 8  ALA A N    1 
ATOM 131 C CA   . ALA A 1 8  ? 1.558  1.488   -0.678  1.00 0.00 ? 8  ALA A CA   1 
ATOM 132 C C    . ALA A 1 8  ? 0.338  2.097   -0.026  1.00 0.00 ? 8  ALA A C    1 
ATOM 133 O O    . ALA A 1 8  ? 0.545  2.880   0.903   1.00 0.00 ? 8  ALA A O    1 
ATOM 134 C CB   . ALA A 1 8  ? 1.730  2.159   -2.048  1.00 0.00 ? 8  ALA A CB   1 
ATOM 135 H H    . ALA A 1 8  ? 1.319  -0.421  -1.573  1.00 0.00 ? 8  ALA A H    1 
ATOM 136 H HA   . ALA A 1 8  ? 2.430  1.715   -0.084  1.00 0.00 ? 8  ALA A HA   1 
ATOM 137 H HB1  . ALA A 1 8  ? 0.892  1.905   -2.680  1.00 0.00 ? 8  ALA A HB1  1 
ATOM 138 H HB2  . ALA A 1 8  ? 1.773  3.231   -1.922  1.00 0.00 ? 8  ALA A HB2  1 
ATOM 139 H HB3  . ALA A 1 8  ? 2.644  1.814   -2.507  1.00 0.00 ? 8  ALA A HB3  1 
ATOM 140 N N    . PHE A 1 9  ? -0.828 1.579   -0.283  1.00 0.00 ? 9  PHE A N    1 
ATOM 141 C CA   . PHE A 1 9  ? -1.985 2.074   0.469   1.00 0.00 ? 9  PHE A CA   1 
ATOM 142 C C    . PHE A 1 9  ? -1.854 1.818   1.967   1.00 0.00 ? 9  PHE A C    1 
ATOM 143 O O    . PHE A 1 9  ? -1.885 2.792   2.759   1.00 0.00 ? 9  PHE A O    1 
ATOM 144 C CB   . PHE A 1 9  ? -3.315 1.505   -0.044  1.00 0.00 ? 9  PHE A CB   1 
ATOM 145 C CG   . PHE A 1 9  ? -4.485 2.158   0.712   1.00 0.00 ? 9  PHE A CG   1 
ATOM 146 C CD1  . PHE A 1 9  ? -4.567 3.534   0.831   1.00 0.00 ? 9  PHE A CD1  1 
ATOM 147 C CD2  . PHE A 1 9  ? -5.464 1.365   1.271   1.00 0.00 ? 9  PHE A CD2  1 
ATOM 148 C CE1  . PHE A 1 9  ? -5.629 4.112   1.506   1.00 0.00 ? 9  PHE A CE1  1 
ATOM 149 C CE2  . PHE A 1 9  ? -6.528 1.937   1.940   1.00 0.00 ? 9  PHE A CE2  1 
ATOM 150 C CZ   . PHE A 1 9  ? -6.612 3.311   2.058   1.00 0.00 ? 9  PHE A CZ   1 
ATOM 151 H H    . PHE A 1 9  ? -0.930 0.879   -0.961  1.00 0.00 ? 9  PHE A H    1 
ATOM 152 H HA   . PHE A 1 9  ? -2.015 3.150   0.387   1.00 0.00 ? 9  PHE A HA   1 
ATOM 153 H HB2  . PHE A 1 9  ? -3.410 1.712   -1.100  1.00 0.00 ? 9  PHE A HB2  1 
ATOM 154 H HB3  . PHE A 1 9  ? -3.335 0.437   0.118   1.00 0.00 ? 9  PHE A HB3  1 
ATOM 155 H HD1  . PHE A 1 9  ? -3.800 4.158   0.397   1.00 0.00 ? 9  PHE A HD1  1 
ATOM 156 H HD2  . PHE A 1 9  ? -5.399 0.290   1.186   1.00 0.00 ? 9  PHE A HD2  1 
ATOM 157 H HE1  . PHE A 1 9  ? -5.689 5.186   1.601   1.00 0.00 ? 9  PHE A HE1  1 
ATOM 158 H HE2  . PHE A 1 9  ? -7.295 1.311   2.371   1.00 0.00 ? 9  PHE A HE2  1 
ATOM 159 H HZ   . PHE A 1 9  ? -7.445 3.759   2.580   1.00 0.00 ? 9  PHE A HZ   1 
ATOM 160 N N    . LYS A 1 10 ? -1.330 0.662   2.281   1.00 0.00 ? 10 LYS A N    1 
ATOM 161 C CA   . LYS A 1 10 ? -0.968 0.323   3.663   1.00 0.00 ? 10 LYS A CA   1 
ATOM 162 C C    . LYS A 1 10 ? 0.069  1.271   4.257   1.00 0.00 ? 10 LYS A C    1 
ATOM 163 O O    . LYS A 1 10 ? -0.164 1.852   5.352   1.00 0.00 ? 10 LYS A O    1 
ATOM 164 C CB   . LYS A 1 10 ? -0.476 -1.129  3.734   1.00 0.00 ? 10 LYS A CB   1 
ATOM 165 C CG   . LYS A 1 10 ? -0.168 -1.550  5.188   1.00 0.00 ? 10 LYS A CG   1 
ATOM 166 C CD   . LYS A 1 10 ? -1.438 -1.770  6.037   1.00 0.00 ? 10 LYS A CD   1 
ATOM 167 C CE   . LYS A 1 10 ? -1.081 -2.243  7.456   1.00 0.00 ? 10 LYS A CE   1 
ATOM 168 N NZ   . LYS A 1 10 ? -2.141 -3.109  7.972   1.00 0.00 ? 10 LYS A NZ   1 
ATOM 169 H H    . LYS A 1 10 ? -1.174 0.002   1.573   1.00 0.00 ? 10 LYS A H    1 
ATOM 170 H HA   . LYS A 1 10 ? -1.834 0.439   4.298   1.00 0.00 ? 10 LYS A HA   1 
ATOM 171 H HB2  . LYS A 1 10 ? -1.240 -1.779  3.334   1.00 0.00 ? 10 LYS A HB2  1 
ATOM 172 H HB3  . LYS A 1 10 ? 0.422  -1.224  3.143   1.00 0.00 ? 10 LYS A HB3  1 
ATOM 173 H HG2  . LYS A 1 10 ? 0.395  -2.471  5.167   1.00 0.00 ? 10 LYS A HG2  1 
ATOM 174 H HG3  . LYS A 1 10 ? 0.425  -0.776  5.651   1.00 0.00 ? 10 LYS A HG3  1 
ATOM 175 H HD2  . LYS A 1 10 ? -1.985 -0.840  6.102   1.00 0.00 ? 10 LYS A HD2  1 
ATOM 176 H HD3  . LYS A 1 10 ? -2.056 -2.518  5.560   1.00 0.00 ? 10 LYS A HD3  1 
ATOM 177 H HE2  . LYS A 1 10 ? -0.152 -2.792  7.427   1.00 0.00 ? 10 LYS A HE2  1 
ATOM 178 H HE3  . LYS A 1 10 ? -0.972 -1.386  8.102   1.00 0.00 ? 10 LYS A HE3  1 
ATOM 179 H HZ1  . LYS A 1 10 ? -3.041 -2.589  7.979   1.00 0.00 ? 10 LYS A HZ1  1 
ATOM 180 H HZ2  . LYS A 1 10 ? -2.230 -3.949  7.364   1.00 0.00 ? 10 LYS A HZ2  1 
ATOM 181 H HZ3  . LYS A 1 10 ? -1.905 -3.406  8.940   1.00 0.00 ? 10 LYS A HZ3  1 
ATOM 182 N N    . ARG A 1 11 ? 1.051  1.558   3.454   1.00 0.00 ? 11 ARG A N    1 
ATOM 183 C CA   . ARG A 1 11 ? 2.175  2.450   3.724   1.00 0.00 ? 11 ARG A CA   1 
ATOM 184 C C    . ARG A 1 11 ? 1.702  3.877   3.937   1.00 0.00 ? 11 ARG A C    1 
ATOM 185 O O    . ARG A 1 11 ? 2.004  4.476   4.997   1.00 0.00 ? 11 ARG A O    1 
ATOM 186 C CB   . ARG A 1 11 ? 3.210  2.355   2.581   1.00 0.00 ? 11 ARG A CB   1 
ATOM 187 C CG   . ARG A 1 11 ? 4.368  3.363   2.755   1.00 0.00 ? 11 ARG A CG   1 
ATOM 188 C CD   . ARG A 1 11 ? 5.637  3.051   1.943   1.00 0.00 ? 11 ARG A CD   1 
ATOM 189 N NE   . ARG A 1 11 ? 6.615  2.879   3.010   1.00 0.00 ? 11 ARG A NE   1 
ATOM 190 C CZ   . ARG A 1 11 ? 7.618  3.692   3.269   1.00 0.00 ? 11 ARG A CZ   1 
ATOM 191 N NH1  . ARG A 1 11 ? 7.731  4.820   2.578   1.00 0.00 ? 11 ARG A NH1  1 
ATOM 192 N NH2  . ARG A 1 11 ? 8.052  3.659   4.519   1.00 0.00 ? 11 ARG A NH2  1 
ATOM 193 H H    . ARG A 1 11 ? 1.035  1.130   2.574   1.00 0.00 ? 11 ARG A H    1 
ATOM 194 H HA   . ARG A 1 11 ? 2.642  2.166   4.656   1.00 0.00 ? 11 ARG A HA   1 
ATOM 195 H HB2  . ARG A 1 11 ? 3.619  1.355   2.564   1.00 0.00 ? 11 ARG A HB2  1 
ATOM 196 H HB3  . ARG A 1 11 ? 2.713  2.555   1.643   1.00 0.00 ? 11 ARG A HB3  1 
ATOM 197 H HG2  . ARG A 1 11 ? 4.011  4.337   2.455   1.00 0.00 ? 11 ARG A HG2  1 
ATOM 198 H HG3  . ARG A 1 11 ? 4.639  3.384   3.800   1.00 0.00 ? 11 ARG A HG3  1 
ATOM 199 H HD2  . ARG A 1 11 ? 5.523  2.149   1.362   1.00 0.00 ? 11 ARG A HD2  1 
ATOM 200 H HD3  . ARG A 1 11 ? 5.901  3.869   1.292   1.00 0.00 ? 11 ARG A HD3  1 
ATOM 201 H HE   . ARG A 1 11 ? 6.518  2.092   3.583   1.00 0.00 ? 11 ARG A HE   1 
ATOM 202 H HH11 . ARG A 1 11 ? 7.065  5.038   1.864   1.00 0.00 ? 11 ARG A HH11 1 
ATOM 203 H HH12 . ARG A 1 11 ? 8.481  5.452   2.772   1.00 0.00 ? 11 ARG A HH12 1 
ATOM 204 H HH21 . ARG A 1 11 ? 7.655  3.011   5.169   1.00 0.00 ? 11 ARG A HH21 1 
ATOM 205 H HH22 . ARG A 1 11 ? 8.777  4.282   4.814   1.00 0.00 ? 11 ARG A HH22 1 
ATOM 206 N N    . LEU A 1 12 ? 0.818  4.267   3.073   1.00 0.00 ? 12 LEU A N    1 
ATOM 207 C CA   . LEU A 1 12 ? 0.217  5.594   3.008   1.00 0.00 ? 12 LEU A CA   1 
ATOM 208 C C    . LEU A 1 12 ? -0.634 5.819   4.243   1.00 0.00 ? 12 LEU A C    1 
ATOM 209 O O    . LEU A 1 12 ? -0.497 6.885   4.900   1.00 0.00 ? 12 LEU A O    1 
ATOM 210 C CB   . LEU A 1 12 ? -0.628 5.733   1.729   1.00 0.00 ? 12 LEU A CB   1 
ATOM 211 C CG   . LEU A 1 12 ? 0.148  6.400   0.568   1.00 0.00 ? 12 LEU A CG   1 
ATOM 212 C CD1  . LEU A 1 12 ? 0.646  7.791   0.977   1.00 0.00 ? 12 LEU A CD1  1 
ATOM 213 C CD2  . LEU A 1 12 ? 1.290  5.568   -0.055  1.00 0.00 ? 12 LEU A CD2  1 
ATOM 214 H H    . LEU A 1 12 ? 0.528  3.612   2.406   1.00 0.00 ? 12 LEU A H    1 
ATOM 215 H HA   . LEU A 1 12 ? 0.998  6.340   3.003   1.00 0.00 ? 12 LEU A HA   1 
ATOM 216 H HB2  . LEU A 1 12 ? -0.941 4.749   1.414   1.00 0.00 ? 12 LEU A HB2  1 
ATOM 217 H HB3  . LEU A 1 12 ? -1.497 6.333   1.952   1.00 0.00 ? 12 LEU A HB3  1 
ATOM 218 H HG   . LEU A 1 12 ? -0.505 6.495   -0.287  1.00 0.00 ? 12 LEU A HG   1 
ATOM 219 H HD11 . LEU A 1 12 ? 0.066  8.149   1.815   1.00 0.00 ? 12 LEU A HD11 1 
ATOM 220 H HD12 . LEU A 1 12 ? 1.687  7.733   1.259   1.00 0.00 ? 12 LEU A HD12 1 
ATOM 221 H HD13 . LEU A 1 12 ? 0.534  8.471   0.146   1.00 0.00 ? 12 LEU A HD13 1 
ATOM 222 H HD21 . LEU A 1 12 ? 1.806  5.025   0.723   1.00 0.00 ? 12 LEU A HD21 1 
ATOM 223 H HD22 . LEU A 1 12 ? 0.879  4.870   -0.769  1.00 0.00 ? 12 LEU A HD22 1 
ATOM 224 H HD23 . LEU A 1 12 ? 1.985  6.228   -0.555  1.00 0.00 ? 12 LEU A HD23 1 
ATOM 225 N N    . LEU A 1 13 ? -1.318 4.755   4.622   1.00 0.00 ? 13 LEU A N    1 
ATOM 226 C CA   . LEU A 1 13 ? -2.154 4.742   5.823   1.00 0.00 ? 13 LEU A CA   1 
ATOM 227 C C    . LEU A 1 13 ? -1.318 4.984   7.062   1.00 0.00 ? 13 LEU A C    1 
ATOM 228 O O    . LEU A 1 13 ? -1.714 5.839   7.898   1.00 0.00 ? 13 LEU A O    1 
ATOM 229 C CB   . LEU A 1 13 ? -2.906 3.418   5.992   1.00 0.00 ? 13 LEU A CB   1 
ATOM 230 C CG   . LEU A 1 13 ? -3.954 3.221   4.896   1.00 0.00 ? 13 LEU A CG   1 
ATOM 231 C CD1  . LEU A 1 13 ? -4.444 1.764   4.837   1.00 0.00 ? 13 LEU A CD1  1 
ATOM 232 C CD2  . LEU A 1 13 ? -5.068 4.281   4.972   1.00 0.00 ? 13 LEU A CD2  1 
ATOM 233 H H    . LEU A 1 13 ? -1.265 3.942   4.077   1.00 0.00 ? 13 LEU A H    1 
ATOM 234 H HA   . LEU A 1 13 ? -2.873 5.545   5.756   1.00 0.00 ? 13 LEU A HA   1 
ATOM 235 H HB2  . LEU A 1 13 ? -2.198 2.604   5.950   1.00 0.00 ? 13 LEU A HB2  1 
ATOM 236 H HB3  . LEU A 1 13 ? -3.399 3.414   6.953   1.00 0.00 ? 13 LEU A HB3  1 
ATOM 237 H HG   . LEU A 1 13 ? -3.517 3.484   3.943   1.00 0.00 ? 13 LEU A HG   1 
ATOM 238 H HD11 . LEU A 1 13 ? -3.615 1.098   5.025   1.00 0.00 ? 13 LEU A HD11 1 
ATOM 239 H HD12 . LEU A 1 13 ? -5.206 1.610   5.586   1.00 0.00 ? 13 LEU A HD12 1 
ATOM 240 H HD13 . LEU A 1 13 ? -4.854 1.561   3.858   1.00 0.00 ? 13 LEU A HD13 1 
ATOM 241 H HD21 . LEU A 1 13 ? -5.204 4.587   5.998   1.00 0.00 ? 13 LEU A HD21 1 
ATOM 242 H HD22 . LEU A 1 13 ? -4.791 5.137   4.375   1.00 0.00 ? 13 LEU A HD22 1 
ATOM 243 H HD23 . LEU A 1 13 ? -5.990 3.863   4.596   1.00 0.00 ? 13 LEU A HD23 1 
ATOM 244 N N    . CYS A 1 14 ? -0.143 4.386   7.082   1.00 0.00 ? 14 CYS A N    1 
ATOM 245 C CA   . CYS A 1 14 ? 0.760  4.543   8.231   1.00 0.00 ? 14 CYS A CA   1 
ATOM 246 C C    . CYS A 1 14 ? 1.285  5.960   8.379   1.00 0.00 ? 14 CYS A C    1 
ATOM 247 O O    . CYS A 1 14 ? 1.249  6.522   9.507   1.00 0.00 ? 14 CYS A O    1 
ATOM 248 C CB   . CYS A 1 14 ? 1.930  3.553   8.194   1.00 0.00 ? 14 CYS A CB   1 
ATOM 249 S SG   . CYS A 1 14 ? 2.337  2.784   9.774   1.00 0.00 ? 14 CYS A SG   1 
ATOM 250 H H    . CYS A 1 14 ? 0.131  3.831   6.322   1.00 0.00 ? 14 CYS A H    1 
ATOM 251 H HA   . CYS A 1 14 ? 0.198  4.383   9.139   1.00 0.00 ? 14 CYS A HA   1 
ATOM 252 H HB2  . CYS A 1 14 ? 1.680  2.768   7.495   1.00 0.00 ? 14 CYS A HB2  1 
ATOM 253 H HB3  . CYS A 1 14 ? 2.804  4.081   7.844   1.00 0.00 ? 14 CYS A HB3  1 
ATOM 254 H HG   . CYS A 1 14 ? 2.270  3.455   10.457  1.00 0.00 ? 14 CYS A HG   1 
ATOM 255 N N    . PHE A 1 15 ? 1.598  6.556   7.242   1.00 0.00 ? 15 PHE A N    1 
ATOM 256 C CA   . PHE A 1 15 ? 2.034  7.967   7.181   1.00 0.00 ? 15 PHE A CA   1 
ATOM 257 C C    . PHE A 1 15 ? 0.949  8.942   7.615   1.00 0.00 ? 15 PHE A C    1 
ATOM 258 O O    . PHE A 1 15 ? 1.209  9.798   8.501   1.00 0.00 ? 15 PHE A O    1 
ATOM 259 C CB   . PHE A 1 15 ? 2.507  8.363   5.766   1.00 0.00 ? 15 PHE A CB   1 
ATOM 260 C CG   . PHE A 1 15 ? 3.917  7.832   5.464   1.00 0.00 ? 15 PHE A CG   1 
ATOM 261 C CD1  . PHE A 1 15 ? 5.027  8.575   5.796   1.00 0.00 ? 15 PHE A CD1  1 
ATOM 262 C CD2  . PHE A 1 15 ? 4.068  6.600   4.880   1.00 0.00 ? 15 PHE A CD2  1 
ATOM 263 C CE1  . PHE A 1 15 ? 6.296  8.070   5.547   1.00 0.00 ? 15 PHE A CE1  1 
ATOM 264 C CE2  . PHE A 1 15 ? 5.329  6.093   4.636   1.00 0.00 ? 15 PHE A CE2  1 
ATOM 265 C CZ   . PHE A 1 15 ? 6.444  6.827   4.971   1.00 0.00 ? 15 PHE A CZ   1 
ATOM 266 O OXT  . PHE A 1 15 ? -0.245 8.770   7.260   1.00 0.00 ? 15 PHE A OXT  1 
ATOM 267 H H    . PHE A 1 15 ? 1.538  6.044   6.409   1.00 0.00 ? 15 PHE A H    1 
ATOM 268 H HA   . PHE A 1 15 ? 2.849  8.111   7.875   1.00 0.00 ? 15 PHE A HA   1 
ATOM 269 H HB2  . PHE A 1 15 ? 1.818  7.957   5.041   1.00 0.00 ? 15 PHE A HB2  1 
ATOM 270 H HB3  . PHE A 1 15 ? 2.517  9.440   5.691   1.00 0.00 ? 15 PHE A HB3  1 
ATOM 271 H HD1  . PHE A 1 15 ? 4.911  9.549   6.250   1.00 0.00 ? 15 PHE A HD1  1 
ATOM 272 H HD2  . PHE A 1 15 ? 3.197  6.024   4.609   1.00 0.00 ? 15 PHE A HD2  1 
ATOM 273 H HE1  . PHE A 1 15 ? 7.169  8.652   5.804   1.00 0.00 ? 15 PHE A HE1  1 
ATOM 274 H HE2  . PHE A 1 15 ? 5.441  5.120   4.183   1.00 0.00 ? 15 PHE A HE2  1 
ATOM 275 H HZ   . PHE A 1 15 ? 7.431  6.430   4.783   1.00 0.00 ? 15 PHE A HZ   1 
# 
